data_2PB9
#
_entry.id   2PB9
#
_cell.length_a   78.126
_cell.length_b   78.126
_cell.length_c   155.388
_cell.angle_alpha   90.00
_cell.angle_beta   90.00
_cell.angle_gamma   90.00
#
_symmetry.space_group_name_H-M   'P 42 21 2'
#
loop_
_entity.id
_entity.type
_entity.pdbx_description
1 polymer 'Phosphomethylpyrimidine kinase'
2 non-polymer 'PHOSPHATE ION'
3 water water
#
_entity_poly.entity_id   1
_entity_poly.type   'polypeptide(L)'
_entity_poly.pdbx_seq_one_letter_code
;(MSE)SLEKWRIYEELTNAVREFESINPVRLIPEVGTNFVYSLPLPYARSTKDVAGVKGRIVKYGNSVKAVGPVEFGASD
HLARAVLTY(MSE)RFYPEYRSAINIRYSREIIEEIIEIAQERGFKVSFYDRREEPEEIKAKEGATIPWGIETAIKRIKE
RPDIIYHLGDVGKEP(MSE)ILVFGRNPREVLEKIK(MSE)LIEGHHHHHH
;
_entity_poly.pdbx_strand_id   A,B
#
loop_
_chem_comp.id
_chem_comp.type
_chem_comp.name
_chem_comp.formula
PO4 non-polymer 'PHOSPHATE ION' 'O4 P -3'
#
# COMPACT_ATOMS: atom_id res chain seq x y z
N GLU A 4 35.48 24.27 -3.69
CA GLU A 4 34.37 23.53 -4.37
C GLU A 4 34.50 22.01 -4.25
N LYS A 5 34.51 21.34 -5.40
CA LYS A 5 34.59 19.88 -5.44
C LYS A 5 35.59 19.18 -4.53
N TRP A 6 36.85 19.56 -4.58
CA TRP A 6 37.82 18.92 -3.74
C TRP A 6 37.45 19.00 -2.26
N ARG A 7 37.04 20.17 -1.82
CA ARG A 7 36.64 20.36 -0.43
C ARG A 7 35.50 19.44 -0.05
N ILE A 8 34.56 19.28 -0.99
CA ILE A 8 33.40 18.41 -0.80
C ILE A 8 33.86 16.97 -0.66
N TYR A 9 34.70 16.54 -1.60
CA TYR A 9 35.22 15.17 -1.60
C TYR A 9 36.05 14.85 -0.34
N GLU A 10 36.80 15.84 0.15
CA GLU A 10 37.64 15.65 1.33
C GLU A 10 36.86 15.58 2.62
N GLU A 11 36.00 16.57 2.84
CA GLU A 11 35.20 16.62 4.05
C GLU A 11 34.29 15.40 4.23
N LEU A 12 33.72 14.93 3.13
CA LEU A 12 32.85 13.77 3.21
C LEU A 12 33.70 12.52 3.40
N THR A 13 34.75 12.39 2.60
CA THR A 13 35.61 11.24 2.71
C THR A 13 36.15 11.09 4.14
N ASN A 14 36.36 12.20 4.83
CA ASN A 14 36.85 12.13 6.21
C ASN A 14 35.73 11.66 7.12
N ALA A 15 34.57 12.31 7.01
CA ALA A 15 33.42 11.96 7.83
C ALA A 15 33.11 10.46 7.72
N VAL A 16 33.14 9.96 6.50
CA VAL A 16 32.88 8.54 6.26
C VAL A 16 33.91 7.68 7.01
N ARG A 17 35.16 8.13 7.02
CA ARG A 17 36.20 7.39 7.70
C ARG A 17 35.94 7.47 9.20
N GLU A 18 35.57 8.64 9.69
CA GLU A 18 35.28 8.76 11.10
C GLU A 18 33.98 8.03 11.47
N PHE A 19 33.00 8.11 10.58
CA PHE A 19 31.77 7.38 10.85
C PHE A 19 32.02 5.91 11.12
N GLU A 20 32.84 5.34 10.24
CA GLU A 20 33.24 3.94 10.36
C GLU A 20 34.00 3.70 11.67
N SER A 21 34.94 4.58 12.00
CA SER A 21 35.72 4.41 13.21
C SER A 21 34.86 4.33 14.48
N ILE A 22 33.82 5.17 14.57
CA ILE A 22 32.96 5.13 15.75
C ILE A 22 32.12 3.85 15.77
N ASN A 23 32.25 3.07 14.71
CA ASN A 23 31.56 1.79 14.57
C ASN A 23 30.07 1.75 14.95
N PRO A 24 29.23 2.42 14.16
CA PRO A 24 27.78 2.52 14.36
C PRO A 24 27.01 1.37 13.67
N VAL A 25 27.14 0.17 14.19
CA VAL A 25 26.47 -0.98 13.59
C VAL A 25 24.96 -0.97 13.82
N ARG A 26 24.53 -0.68 15.05
CA ARG A 26 23.09 -0.69 15.34
C ARG A 26 22.31 0.31 14.51
N LEU A 27 23.00 1.33 13.98
CA LEU A 27 22.34 2.37 13.18
C LEU A 27 22.26 2.11 11.68
N ILE A 28 22.89 1.05 11.20
CA ILE A 28 22.88 0.74 9.78
C ILE A 28 21.69 -0.11 9.34
N PRO A 29 20.88 0.39 8.37
CA PRO A 29 19.73 -0.39 7.92
C PRO A 29 20.19 -1.55 7.01
N GLU A 30 19.24 -2.30 6.48
CA GLU A 30 19.56 -3.43 5.61
C GLU A 30 19.95 -3.01 4.20
N VAL A 31 19.37 -1.91 3.73
CA VAL A 31 19.66 -1.40 2.40
C VAL A 31 21.00 -0.65 2.37
N GLY A 32 21.57 -0.44 3.55
CA GLY A 32 22.84 0.24 3.66
C GLY A 32 22.71 1.72 3.97
N THR A 33 23.78 2.30 4.49
CA THR A 33 23.77 3.71 4.81
C THR A 33 24.61 4.49 3.80
N ASN A 34 24.05 5.59 3.33
CA ASN A 34 24.76 6.45 2.41
C ASN A 34 24.87 7.82 3.10
N PHE A 35 26.01 8.46 2.92
CA PHE A 35 26.30 9.75 3.53
C PHE A 35 26.61 10.66 2.35
N VAL A 36 25.85 11.75 2.22
CA VAL A 36 26.07 12.66 1.09
C VAL A 36 26.40 14.09 1.42
N TYR A 37 26.97 14.76 0.42
CA TYR A 37 27.35 16.16 0.53
C TYR A 37 27.20 16.73 -0.88
N SER A 38 26.21 17.61 -1.02
CA SER A 38 25.90 18.22 -2.30
C SER A 38 26.69 19.47 -2.64
N LEU A 39 26.64 19.84 -3.91
CA LEU A 39 27.28 21.06 -4.38
C LEU A 39 26.26 22.11 -3.99
N PRO A 40 26.73 23.32 -3.82
CA PRO A 40 25.84 24.43 -3.47
C PRO A 40 24.97 24.87 -4.64
N LEU A 41 23.84 25.50 -4.36
CA LEU A 41 22.99 25.97 -5.45
C LEU A 41 23.71 27.19 -6.06
N PRO A 42 23.39 27.53 -7.30
CA PRO A 42 22.41 26.85 -8.15
C PRO A 42 23.00 25.67 -8.90
N TYR A 43 24.22 25.30 -8.57
CA TYR A 43 24.87 24.18 -9.25
C TYR A 43 24.32 22.80 -8.89
N ALA A 44 23.59 22.72 -7.78
CA ALA A 44 23.01 21.47 -7.35
C ALA A 44 21.69 21.23 -8.09
N ARG A 45 21.77 20.72 -9.31
CA ARG A 45 20.59 20.48 -10.12
C ARG A 45 20.22 19.00 -10.25
N SER A 46 21.12 18.11 -9.87
CA SER A 46 20.82 16.69 -9.96
C SER A 46 21.65 15.89 -8.98
N THR A 47 21.31 14.61 -8.80
CA THR A 47 22.05 13.75 -7.89
C THR A 47 23.50 13.62 -8.36
N LYS A 48 23.74 14.02 -9.61
CA LYS A 48 25.06 13.98 -10.19
C LYS A 48 25.91 15.06 -9.55
N ASP A 49 25.26 16.07 -9.00
CA ASP A 49 25.93 17.20 -8.35
C ASP A 49 26.09 16.97 -6.86
N VAL A 50 25.81 15.74 -6.43
CA VAL A 50 25.90 15.39 -5.03
C VAL A 50 26.88 14.23 -4.88
N ALA A 51 27.77 14.33 -3.89
CA ALA A 51 28.74 13.28 -3.66
C ALA A 51 28.23 12.29 -2.60
N GLY A 52 28.36 11.00 -2.89
CA GLY A 52 27.90 9.99 -1.96
C GLY A 52 28.86 8.81 -1.96
N VAL A 53 28.58 7.82 -1.11
CA VAL A 53 29.45 6.66 -1.04
C VAL A 53 28.98 5.60 -2.04
N LYS A 54 29.85 5.24 -2.96
CA LYS A 54 29.51 4.24 -3.97
C LYS A 54 29.40 2.87 -3.33
N GLY A 55 28.18 2.36 -3.25
CA GLY A 55 27.95 1.05 -2.66
C GLY A 55 27.49 1.19 -1.22
N ARG A 56 27.38 2.43 -0.77
CA ARG A 56 26.94 2.75 0.59
C ARG A 56 27.83 2.13 1.66
N ILE A 57 27.36 2.15 2.90
CA ILE A 57 28.10 1.57 4.02
C ILE A 57 27.19 0.51 4.63
N VAL A 58 27.66 -0.74 4.63
CA VAL A 58 26.87 -1.86 5.13
C VAL A 58 27.40 -2.52 6.39
N LYS A 59 26.55 -3.30 7.07
CA LYS A 59 26.99 -4.01 8.26
C LYS A 59 28.04 -5.00 7.79
N TYR A 60 29.20 -5.00 8.44
CA TYR A 60 30.22 -5.94 8.05
C TYR A 60 30.18 -7.01 9.13
N GLY A 61 31.22 -7.14 9.94
CA GLY A 61 31.13 -8.15 10.97
C GLY A 61 30.28 -7.49 12.03
N ASN A 62 30.92 -7.20 13.16
CA ASN A 62 30.27 -6.51 14.25
C ASN A 62 30.71 -5.08 14.02
N SER A 63 30.67 -4.68 12.75
CA SER A 63 31.06 -3.34 12.37
C SER A 63 30.41 -2.92 11.05
N VAL A 64 30.90 -1.83 10.49
CA VAL A 64 30.35 -1.31 9.26
C VAL A 64 31.46 -1.15 8.23
N LYS A 65 31.08 -1.08 6.96
CA LYS A 65 32.08 -0.93 5.92
C LYS A 65 31.51 -0.16 4.76
N ALA A 66 32.28 0.82 4.27
CA ALA A 66 31.88 1.62 3.12
C ALA A 66 32.36 0.78 1.96
N VAL A 67 31.43 0.27 1.17
CA VAL A 67 31.81 -0.60 0.05
C VAL A 67 32.73 0.06 -0.96
N GLY A 68 32.61 1.37 -1.14
CA GLY A 68 33.45 2.03 -2.13
C GLY A 68 33.86 3.43 -1.75
N PRO A 69 34.41 4.17 -2.72
CA PRO A 69 34.88 5.55 -2.54
C PRO A 69 33.75 6.56 -2.74
N VAL A 70 34.05 7.81 -2.39
CA VAL A 70 33.10 8.90 -2.52
C VAL A 70 33.18 9.38 -3.97
N GLU A 71 32.01 9.52 -4.60
CA GLU A 71 31.94 9.97 -5.99
C GLU A 71 30.64 10.73 -6.23
N PHE A 72 30.69 11.70 -7.13
CA PHE A 72 29.50 12.48 -7.46
C PHE A 72 28.59 11.57 -8.26
N GLY A 73 27.32 11.53 -7.86
CA GLY A 73 26.35 10.68 -8.54
C GLY A 73 26.33 9.29 -7.92
N ALA A 74 27.02 9.13 -6.79
CA ALA A 74 27.07 7.81 -6.14
C ALA A 74 25.72 7.50 -5.49
N SER A 75 25.15 8.48 -4.82
CA SER A 75 23.87 8.32 -4.15
C SER A 75 22.70 8.77 -5.04
N ASP A 76 21.59 8.03 -4.99
CA ASP A 76 20.43 8.40 -5.78
C ASP A 76 19.26 8.85 -4.92
N HIS A 77 18.90 8.04 -3.93
CA HIS A 77 17.76 8.33 -3.07
C HIS A 77 18.01 9.41 -2.01
N LEU A 78 19.16 9.37 -1.37
CA LEU A 78 19.46 10.37 -0.36
C LEU A 78 19.76 11.71 -1.02
N ALA A 79 20.33 11.67 -2.23
CA ALA A 79 20.66 12.90 -2.95
C ALA A 79 19.41 13.69 -3.26
N ARG A 80 18.38 12.98 -3.72
CA ARG A 80 17.12 13.63 -4.04
C ARG A 80 16.53 14.25 -2.78
N ALA A 81 16.69 13.55 -1.66
CA ALA A 81 16.18 14.04 -0.39
C ALA A 81 16.88 15.34 0.03
N VAL A 82 18.21 15.32 0.03
CA VAL A 82 18.98 16.50 0.41
C VAL A 82 18.78 17.60 -0.59
N LEU A 83 18.67 17.23 -1.87
CA LEU A 83 18.47 18.20 -2.93
C LEU A 83 17.14 18.91 -2.72
N THR A 84 16.09 18.14 -2.44
CA THR A 84 14.76 18.69 -2.21
C THR A 84 14.74 19.53 -0.93
N TYR A 85 15.46 19.06 0.08
CA TYR A 85 15.54 19.75 1.36
C TYR A 85 16.17 21.14 1.16
N MSE A 86 17.16 21.22 0.28
CA MSE A 86 17.84 22.48 0.00
C MSE A 86 16.88 23.53 -0.57
O MSE A 86 17.11 24.74 -0.42
CB MSE A 86 19.01 22.26 -0.97
CG MSE A 86 20.21 21.60 -0.28
SE MSE A 86 21.52 20.79 -1.48
CE MSE A 86 22.67 22.30 -1.77
N ARG A 87 15.83 23.07 -1.23
CA ARG A 87 14.85 23.98 -1.79
C ARG A 87 14.23 24.81 -0.68
N PHE A 88 14.44 24.39 0.56
CA PHE A 88 13.90 25.07 1.72
C PHE A 88 15.00 25.63 2.61
N TYR A 89 16.12 24.91 2.68
CA TYR A 89 17.26 25.34 3.46
C TYR A 89 18.48 25.02 2.65
N PRO A 90 18.80 25.90 1.68
CA PRO A 90 19.95 25.77 0.77
C PRO A 90 21.32 25.57 1.40
N GLU A 91 21.43 25.80 2.71
CA GLU A 91 22.71 25.63 3.39
C GLU A 91 22.93 24.18 3.83
N TYR A 92 21.86 23.40 3.86
CA TYR A 92 21.97 22.02 4.30
C TYR A 92 22.15 21.05 3.16
N ARG A 93 23.39 20.87 2.73
CA ARG A 93 23.69 19.97 1.64
C ARG A 93 24.35 18.67 2.02
N SER A 94 24.16 18.28 3.28
CA SER A 94 24.71 17.03 3.76
C SER A 94 23.56 16.31 4.45
N ALA A 95 23.65 14.98 4.50
CA ALA A 95 22.62 14.18 5.14
C ALA A 95 23.13 12.76 5.25
N ILE A 96 22.38 11.92 5.97
CA ILE A 96 22.73 10.52 6.14
C ILE A 96 21.49 9.73 6.56
N ASN A 97 21.33 8.53 6.03
CA ASN A 97 20.17 7.76 6.43
C ASN A 97 20.59 6.60 7.32
N ILE A 98 19.91 6.48 8.45
CA ILE A 98 20.21 5.41 9.38
C ILE A 98 18.97 4.60 9.66
N ARG A 99 19.18 3.41 10.22
CA ARG A 99 18.13 2.48 10.58
C ARG A 99 17.07 3.08 11.50
N TYR A 100 15.83 2.62 11.35
CA TYR A 100 14.73 3.09 12.20
C TYR A 100 14.31 1.95 13.15
N SER A 101 13.88 2.34 14.35
CA SER A 101 13.39 1.40 15.35
C SER A 101 12.91 2.21 16.54
N ARG A 102 12.00 1.66 17.33
CA ARG A 102 11.46 2.35 18.50
C ARG A 102 12.56 2.97 19.35
N GLU A 103 13.55 2.17 19.68
CA GLU A 103 14.64 2.64 20.51
C GLU A 103 15.37 3.84 19.93
N ILE A 104 15.83 3.72 18.69
CA ILE A 104 16.57 4.81 18.06
C ILE A 104 15.75 6.09 17.98
N ILE A 105 14.52 5.97 17.52
CA ILE A 105 13.69 7.14 17.41
C ILE A 105 13.38 7.74 18.81
N GLU A 106 13.02 6.89 19.78
CA GLU A 106 12.73 7.41 21.13
C GLU A 106 13.96 8.18 21.62
N GLU A 107 15.12 7.56 21.47
CA GLU A 107 16.37 8.16 21.90
C GLU A 107 16.74 9.42 21.11
N ILE A 108 16.32 9.48 19.85
CA ILE A 108 16.60 10.66 19.02
C ILE A 108 15.68 11.78 19.49
N ILE A 109 14.44 11.44 19.78
CA ILE A 109 13.47 12.41 20.27
C ILE A 109 14.03 13.07 21.53
N GLU A 110 14.38 12.23 22.49
CA GLU A 110 14.91 12.70 23.76
C GLU A 110 16.06 13.68 23.57
N ILE A 111 17.03 13.29 22.76
CA ILE A 111 18.20 14.13 22.50
C ILE A 111 17.84 15.42 21.80
N ALA A 112 16.93 15.35 20.84
CA ALA A 112 16.51 16.55 20.14
C ALA A 112 15.93 17.47 21.21
N GLN A 113 15.18 16.88 22.13
CA GLN A 113 14.56 17.61 23.22
C GLN A 113 15.66 18.33 24.00
N GLU A 114 16.68 17.56 24.41
CA GLU A 114 17.82 18.09 25.14
C GLU A 114 18.56 19.14 24.31
N ARG A 115 19.41 18.69 23.37
CA ARG A 115 20.20 19.59 22.53
C ARG A 115 19.31 20.55 21.75
N GLY A 116 18.01 20.47 21.99
CA GLY A 116 17.05 21.37 21.34
C GLY A 116 17.05 21.52 19.83
N PHE A 117 16.42 20.60 19.13
CA PHE A 117 16.29 20.68 17.68
C PHE A 117 15.13 19.84 17.16
N LYS A 118 14.51 20.34 16.09
CA LYS A 118 13.33 19.72 15.50
C LYS A 118 13.45 18.42 14.71
N VAL A 119 12.38 17.65 14.79
CA VAL A 119 12.26 16.37 14.10
C VAL A 119 10.86 16.31 13.52
N SER A 120 10.76 16.08 12.21
CA SER A 120 9.45 15.98 11.58
C SER A 120 9.39 14.62 10.90
N PHE A 121 8.32 14.36 10.16
CA PHE A 121 8.20 13.07 9.50
C PHE A 121 7.17 13.17 8.41
N TYR A 122 7.00 12.07 7.69
CA TYR A 122 6.01 11.98 6.64
C TYR A 122 5.55 10.54 6.59
N ASP A 123 4.28 10.34 6.22
CA ASP A 123 3.71 9.01 6.14
C ASP A 123 3.20 8.80 4.74
N ARG A 124 3.75 7.80 4.06
CA ARG A 124 3.37 7.49 2.69
C ARG A 124 1.90 7.09 2.57
N ARG A 125 1.28 6.73 3.68
CA ARG A 125 -0.12 6.36 3.65
C ARG A 125 -0.98 7.57 3.38
N GLU A 126 -0.44 8.75 3.67
CA GLU A 126 -1.18 10.00 3.46
C GLU A 126 -0.77 10.63 2.13
N GLU A 127 -0.12 9.83 1.29
CA GLU A 127 0.33 10.28 -0.01
C GLU A 127 -0.70 10.16 -1.14
N PRO A 128 -0.91 11.26 -1.86
CA PRO A 128 -1.85 11.31 -2.98
C PRO A 128 -1.48 10.25 -4.00
N GLU A 129 -2.44 9.40 -4.32
CA GLU A 129 -2.22 8.32 -5.27
C GLU A 129 -1.45 8.80 -6.49
N GLU A 130 -1.92 9.90 -7.08
CA GLU A 130 -1.26 10.46 -8.26
C GLU A 130 0.25 10.57 -8.07
N ILE A 131 0.68 11.11 -6.92
CA ILE A 131 2.10 11.23 -6.66
C ILE A 131 2.73 9.84 -6.61
N LYS A 132 2.09 8.92 -5.90
CA LYS A 132 2.62 7.56 -5.81
C LYS A 132 2.87 7.04 -7.22
N ALA A 133 1.97 7.42 -8.13
CA ALA A 133 2.03 7.02 -9.52
C ALA A 133 3.28 7.51 -10.24
N LYS A 134 3.59 8.81 -10.12
CA LYS A 134 4.78 9.37 -10.78
C LYS A 134 6.07 8.91 -10.12
N GLU A 135 6.94 8.27 -10.90
CA GLU A 135 8.20 7.77 -10.40
C GLU A 135 9.14 8.87 -9.90
N GLY A 136 9.76 8.62 -8.74
CA GLY A 136 10.71 9.56 -8.15
C GLY A 136 10.12 10.80 -7.51
N ALA A 137 8.80 10.91 -7.53
CA ALA A 137 8.12 12.07 -6.95
C ALA A 137 7.83 11.91 -5.46
N THR A 138 7.93 10.68 -4.97
CA THR A 138 7.68 10.35 -3.57
C THR A 138 8.70 10.86 -2.55
N ILE A 139 9.99 10.71 -2.85
CA ILE A 139 10.99 11.19 -1.90
C ILE A 139 10.82 12.69 -1.71
N PRO A 140 10.75 13.45 -2.81
CA PRO A 140 10.58 14.90 -2.64
C PRO A 140 9.27 15.22 -1.92
N TRP A 141 8.20 14.50 -2.26
CA TRP A 141 6.92 14.70 -1.60
C TRP A 141 7.08 14.56 -0.09
N GLY A 142 7.75 13.49 0.33
CA GLY A 142 7.96 13.26 1.74
C GLY A 142 8.68 14.40 2.42
N ILE A 143 9.82 14.81 1.86
CA ILE A 143 10.63 15.89 2.43
C ILE A 143 9.81 17.17 2.63
N GLU A 144 9.02 17.55 1.64
CA GLU A 144 8.20 18.75 1.73
C GLU A 144 7.12 18.59 2.79
N THR A 145 6.44 17.46 2.75
CA THR A 145 5.39 17.17 3.70
C THR A 145 5.96 17.35 5.09
N ALA A 146 7.09 16.70 5.35
CA ALA A 146 7.77 16.76 6.63
C ALA A 146 8.22 18.19 7.00
N ILE A 147 8.76 18.90 6.02
CA ILE A 147 9.25 20.25 6.21
C ILE A 147 8.11 21.24 6.49
N LYS A 148 7.00 21.08 5.78
CA LYS A 148 5.86 21.95 5.95
C LYS A 148 5.05 21.59 7.20
N ARG A 149 5.25 20.37 7.68
CA ARG A 149 4.57 19.85 8.87
C ARG A 149 4.81 20.81 10.06
N ILE A 150 6.07 20.99 10.45
CA ILE A 150 6.41 21.87 11.56
C ILE A 150 6.73 23.27 11.08
N LYS A 151 6.92 24.20 12.02
CA LYS A 151 7.22 25.58 11.65
C LYS A 151 8.74 25.78 11.52
N GLU A 152 9.51 25.12 12.37
CA GLU A 152 10.95 25.26 12.31
C GLU A 152 11.57 24.32 11.27
N ARG A 153 12.89 24.29 11.23
CA ARG A 153 13.61 23.43 10.32
C ARG A 153 13.89 22.08 10.98
N PRO A 154 13.41 21.00 10.38
CA PRO A 154 13.67 19.70 10.99
C PRO A 154 15.03 19.10 10.61
N ASP A 155 15.87 18.93 11.62
CA ASP A 155 17.19 18.35 11.42
C ASP A 155 17.03 16.87 11.15
N ILE A 156 15.94 16.31 11.69
CA ILE A 156 15.63 14.90 11.54
C ILE A 156 14.27 14.69 10.91
N ILE A 157 14.25 13.88 9.87
CA ILE A 157 13.01 13.55 9.18
C ILE A 157 13.04 12.03 9.06
N TYR A 158 11.93 11.38 9.41
CA TYR A 158 11.89 9.93 9.32
C TYR A 158 10.54 9.55 8.79
N HIS A 159 10.35 8.26 8.55
CA HIS A 159 9.07 7.77 8.08
C HIS A 159 9.02 6.28 8.40
N LEU A 160 7.85 5.80 8.78
CA LEU A 160 7.66 4.39 9.09
C LEU A 160 7.60 3.58 7.78
N GLY A 161 7.67 2.26 7.89
CA GLY A 161 7.66 1.44 6.69
C GLY A 161 6.36 1.39 5.93
N ASP A 162 6.44 0.87 4.70
CA ASP A 162 5.26 0.71 3.84
C ASP A 162 5.44 -0.60 3.09
N VAL A 163 4.41 -1.06 2.39
CA VAL A 163 4.52 -2.35 1.70
C VAL A 163 5.76 -2.39 0.81
N GLY A 164 6.59 -3.41 1.04
CA GLY A 164 7.82 -3.57 0.29
C GLY A 164 8.90 -2.55 0.61
N LYS A 165 8.62 -1.56 1.46
CA LYS A 165 9.61 -0.54 1.78
C LYS A 165 9.84 -0.36 3.27
N GLU A 166 11.11 -0.32 3.67
CA GLU A 166 11.43 -0.17 5.08
C GLU A 166 11.46 1.26 5.57
N PRO A 167 11.34 1.45 6.88
CA PRO A 167 11.35 2.78 7.49
C PRO A 167 12.77 3.36 7.53
N MSE A 168 12.87 4.68 7.54
CA MSE A 168 14.15 5.36 7.58
C MSE A 168 14.15 6.58 8.47
O MSE A 168 13.10 7.18 8.73
CB MSE A 168 14.58 5.82 6.19
CG MSE A 168 15.31 4.82 5.35
SE MSE A 168 16.82 4.03 6.26
CE MSE A 168 16.40 2.19 5.81
N ILE A 169 15.34 6.95 8.90
CA ILE A 169 15.53 8.13 9.70
C ILE A 169 16.60 8.90 8.93
N LEU A 170 16.25 10.11 8.52
CA LEU A 170 17.18 10.97 7.81
C LEU A 170 17.59 12.11 8.75
N VAL A 171 18.87 12.42 8.77
CA VAL A 171 19.40 13.49 9.59
C VAL A 171 20.23 14.37 8.69
N PHE A 172 19.95 15.69 8.76
CA PHE A 172 20.60 16.66 7.89
C PHE A 172 21.54 17.56 8.69
N GLY A 173 22.50 18.10 7.91
CA GLY A 173 23.49 19.00 8.43
C GLY A 173 23.94 19.89 7.29
N ARG A 174 24.62 20.99 7.60
CA ARG A 174 25.07 21.89 6.56
C ARG A 174 26.33 21.35 5.90
N ASN A 175 27.02 20.44 6.57
CA ASN A 175 28.22 19.80 6.04
C ASN A 175 28.34 18.45 6.74
N PRO A 176 29.18 17.54 6.21
CA PRO A 176 29.33 16.23 6.84
C PRO A 176 29.77 16.22 8.31
N ARG A 177 30.59 17.18 8.72
CA ARG A 177 31.05 17.22 10.10
C ARG A 177 29.87 17.42 11.05
N GLU A 178 28.96 18.31 10.71
CA GLU A 178 27.81 18.57 11.55
C GLU A 178 26.89 17.35 11.61
N VAL A 179 26.73 16.68 10.47
CA VAL A 179 25.89 15.50 10.42
C VAL A 179 26.53 14.50 11.37
N LEU A 180 27.80 14.19 11.13
CA LEU A 180 28.50 13.23 11.96
C LEU A 180 28.41 13.58 13.45
N GLU A 181 28.27 14.86 13.75
CA GLU A 181 28.20 15.26 15.15
C GLU A 181 26.88 14.84 15.78
N LYS A 182 25.78 14.91 15.03
CA LYS A 182 24.48 14.50 15.56
C LYS A 182 24.53 13.01 15.83
N ILE A 183 25.16 12.28 14.92
CA ILE A 183 25.27 10.83 15.05
C ILE A 183 26.07 10.48 16.30
N LYS A 184 27.17 11.18 16.51
CA LYS A 184 28.01 10.95 17.67
C LYS A 184 27.15 11.06 18.93
N MSE A 185 26.29 12.07 18.99
CA MSE A 185 25.41 12.28 20.13
C MSE A 185 24.53 11.06 20.36
O MSE A 185 24.35 10.59 21.48
CB MSE A 185 24.49 13.48 19.90
CG MSE A 185 25.12 14.85 19.96
SE MSE A 185 23.77 16.20 19.58
CE MSE A 185 24.57 16.97 17.96
N LEU A 186 23.97 10.57 19.25
CA LEU A 186 23.08 9.41 19.25
C LEU A 186 23.66 8.22 20.00
N ILE A 187 24.96 8.29 20.30
CA ILE A 187 25.62 7.22 21.02
C ILE A 187 25.92 7.67 22.47
N GLU B 4 -39.01 -8.94 -17.56
CA GLU B 4 -37.56 -9.18 -17.26
C GLU B 4 -37.22 -8.71 -15.85
N LYS B 5 -37.16 -7.39 -15.68
CA LYS B 5 -36.84 -6.78 -14.41
C LYS B 5 -37.61 -7.39 -13.24
N TRP B 6 -38.89 -7.66 -13.44
CA TRP B 6 -39.67 -8.26 -12.36
C TRP B 6 -39.21 -9.66 -11.96
N ARG B 7 -38.83 -10.46 -12.95
CA ARG B 7 -38.37 -11.82 -12.68
C ARG B 7 -37.08 -11.72 -11.87
N ILE B 8 -36.25 -10.73 -12.22
CA ILE B 8 -34.99 -10.52 -11.53
C ILE B 8 -35.25 -10.08 -10.10
N TYR B 9 -36.06 -9.03 -9.97
CA TYR B 9 -36.41 -8.51 -8.67
C TYR B 9 -36.94 -9.64 -7.78
N GLU B 10 -37.94 -10.36 -8.29
CA GLU B 10 -38.54 -11.44 -7.52
C GLU B 10 -37.52 -12.50 -7.08
N GLU B 11 -36.68 -12.95 -7.98
CA GLU B 11 -35.69 -13.98 -7.64
C GLU B 11 -34.66 -13.53 -6.61
N LEU B 12 -34.06 -12.36 -6.82
CA LEU B 12 -33.06 -11.87 -5.88
C LEU B 12 -33.71 -11.67 -4.51
N THR B 13 -34.90 -11.06 -4.51
CA THR B 13 -35.62 -10.80 -3.28
C THR B 13 -35.88 -12.07 -2.47
N ASN B 14 -36.11 -13.18 -3.16
CA ASN B 14 -36.37 -14.44 -2.50
C ASN B 14 -35.08 -15.10 -1.98
N ALA B 15 -34.01 -14.98 -2.75
CA ALA B 15 -32.74 -15.56 -2.35
C ALA B 15 -32.27 -14.81 -1.12
N VAL B 16 -32.46 -13.48 -1.14
CA VAL B 16 -32.05 -12.65 -0.02
C VAL B 16 -32.80 -13.06 1.24
N ARG B 17 -34.10 -13.24 1.09
CA ARG B 17 -34.94 -13.64 2.20
C ARG B 17 -34.50 -14.99 2.72
N GLU B 18 -34.05 -15.86 1.82
CA GLU B 18 -33.62 -17.17 2.28
C GLU B 18 -32.22 -17.16 2.88
N PHE B 19 -31.37 -16.24 2.37
CA PHE B 19 -30.05 -16.10 2.96
C PHE B 19 -30.10 -15.72 4.43
N GLU B 20 -30.99 -14.73 4.68
CA GLU B 20 -31.22 -14.28 6.05
C GLU B 20 -31.74 -15.48 6.85
N SER B 21 -32.71 -16.18 6.25
CA SER B 21 -33.31 -17.36 6.86
C SER B 21 -32.33 -18.43 7.32
N ILE B 22 -31.31 -18.71 6.52
CA ILE B 22 -30.33 -19.73 6.91
C ILE B 22 -29.39 -19.19 7.98
N ASN B 23 -29.46 -17.89 8.23
CA ASN B 23 -28.63 -17.24 9.25
C ASN B 23 -27.15 -17.54 9.06
N PRO B 24 -26.51 -16.86 8.11
CA PRO B 24 -25.08 -17.07 7.85
C PRO B 24 -24.22 -15.97 8.48
N VAL B 25 -24.40 -15.75 9.77
CA VAL B 25 -23.65 -14.69 10.46
C VAL B 25 -22.15 -14.73 10.22
N ARG B 26 -21.54 -15.88 10.45
CA ARG B 26 -20.09 -15.99 10.30
C ARG B 26 -19.59 -15.69 8.89
N LEU B 27 -20.49 -15.62 7.90
CA LEU B 27 -20.08 -15.33 6.53
C LEU B 27 -20.32 -13.86 6.12
N ILE B 28 -20.62 -13.00 7.08
CA ILE B 28 -20.86 -11.60 6.78
C ILE B 28 -19.61 -10.76 7.16
N PRO B 29 -19.17 -9.84 6.28
CA PRO B 29 -18.00 -9.00 6.59
C PRO B 29 -18.45 -7.75 7.37
N GLU B 30 -17.49 -7.00 7.90
CA GLU B 30 -17.82 -5.79 8.64
C GLU B 30 -18.48 -4.74 7.76
N VAL B 31 -18.09 -4.71 6.48
CA VAL B 31 -18.67 -3.74 5.53
C VAL B 31 -20.05 -4.18 5.08
N GLY B 32 -20.43 -5.40 5.44
CA GLY B 32 -21.74 -5.92 5.07
C GLY B 32 -21.73 -6.70 3.77
N THR B 33 -22.64 -7.66 3.66
CA THR B 33 -22.71 -8.46 2.44
C THR B 33 -23.75 -7.94 1.47
N ASN B 34 -23.43 -8.00 0.18
CA ASN B 34 -24.36 -7.59 -0.85
C ASN B 34 -24.61 -8.79 -1.79
N PHE B 35 -25.80 -8.84 -2.35
CA PHE B 35 -26.23 -9.92 -3.23
C PHE B 35 -26.85 -9.23 -4.43
N VAL B 36 -26.21 -9.34 -5.60
CA VAL B 36 -26.74 -8.68 -6.78
C VAL B 36 -27.05 -9.61 -7.94
N TYR B 37 -27.93 -9.15 -8.81
CA TYR B 37 -28.35 -9.90 -9.97
C TYR B 37 -28.53 -8.89 -11.11
N SER B 38 -27.73 -9.03 -12.15
CA SER B 38 -27.73 -8.11 -13.28
C SER B 38 -28.68 -8.45 -14.43
N LEU B 39 -28.95 -7.44 -15.25
CA LEU B 39 -29.77 -7.65 -16.43
C LEU B 39 -28.87 -8.43 -17.38
N PRO B 40 -29.34 -8.65 -18.57
CA PRO B 40 -28.54 -9.41 -19.56
C PRO B 40 -27.77 -8.49 -20.51
N LEU B 41 -26.76 -9.04 -21.14
CA LEU B 41 -25.99 -8.29 -22.11
C LEU B 41 -26.88 -8.25 -23.35
N PRO B 42 -26.90 -7.11 -24.07
CA PRO B 42 -26.17 -5.87 -23.85
C PRO B 42 -26.89 -4.89 -22.92
N TYR B 43 -28.04 -5.29 -22.40
CA TYR B 43 -28.80 -4.42 -21.51
C TYR B 43 -27.95 -4.00 -20.33
N ALA B 44 -27.33 -4.97 -19.66
CA ALA B 44 -26.49 -4.68 -18.53
C ALA B 44 -25.36 -3.79 -19.02
N ARG B 45 -25.57 -2.48 -19.00
CA ARG B 45 -24.56 -1.52 -19.46
C ARG B 45 -23.92 -0.75 -18.33
N SER B 46 -24.47 -0.85 -17.13
CA SER B 46 -23.92 -0.16 -15.98
C SER B 46 -24.46 -0.77 -14.67
N THR B 47 -23.97 -0.25 -13.56
CA THR B 47 -24.38 -0.74 -12.26
C THR B 47 -25.86 -0.41 -12.03
N LYS B 48 -26.38 0.53 -12.81
CA LYS B 48 -27.78 0.92 -12.71
C LYS B 48 -28.66 -0.21 -13.28
N ASP B 49 -28.07 -1.07 -14.09
CA ASP B 49 -28.79 -2.18 -14.71
C ASP B 49 -28.68 -3.48 -13.92
N VAL B 50 -28.16 -3.36 -12.70
CA VAL B 50 -27.97 -4.49 -11.80
C VAL B 50 -28.79 -4.29 -10.53
N ALA B 51 -29.48 -5.34 -10.09
CA ALA B 51 -30.28 -5.24 -8.88
C ALA B 51 -29.49 -5.61 -7.64
N GLY B 52 -29.73 -4.90 -6.54
CA GLY B 52 -29.02 -5.19 -5.32
C GLY B 52 -29.78 -4.79 -4.07
N VAL B 53 -29.24 -5.19 -2.92
CA VAL B 53 -29.84 -4.89 -1.62
C VAL B 53 -29.42 -3.50 -1.15
N LYS B 54 -30.38 -2.60 -1.02
CA LYS B 54 -30.09 -1.25 -0.56
C LYS B 54 -29.64 -1.29 0.91
N GLY B 55 -28.43 -0.82 1.18
CA GLY B 55 -27.92 -0.85 2.54
C GLY B 55 -27.40 -2.23 2.88
N ARG B 56 -27.34 -3.09 1.85
CA ARG B 56 -26.85 -4.47 1.97
C ARG B 56 -27.47 -5.27 3.10
N ILE B 57 -26.85 -6.40 3.38
CA ILE B 57 -27.26 -7.31 4.43
C ILE B 57 -26.11 -7.24 5.43
N VAL B 58 -26.42 -6.96 6.69
CA VAL B 58 -25.37 -6.83 7.71
C VAL B 58 -25.61 -7.73 8.91
N LYS B 59 -24.62 -7.81 9.79
CA LYS B 59 -24.73 -8.62 10.99
C LYS B 59 -25.65 -7.91 12.00
N TYR B 60 -26.66 -8.61 12.50
CA TYR B 60 -27.54 -8.01 13.50
C TYR B 60 -26.99 -8.51 14.84
N GLY B 61 -27.67 -9.47 15.46
CA GLY B 61 -27.17 -10.00 16.71
C GLY B 61 -26.43 -11.24 16.30
N ASN B 62 -26.97 -12.39 16.68
CA ASN B 62 -26.39 -13.66 16.28
C ASN B 62 -27.20 -14.04 15.06
N SER B 63 -27.34 -13.08 14.16
CA SER B 63 -28.08 -13.27 12.92
C SER B 63 -27.74 -12.15 11.96
N VAL B 64 -28.22 -12.25 10.73
CA VAL B 64 -27.94 -11.25 9.72
C VAL B 64 -29.23 -10.50 9.39
N LYS B 65 -29.12 -9.36 8.71
CA LYS B 65 -30.30 -8.60 8.36
C LYS B 65 -30.14 -7.71 7.12
N ALA B 66 -31.12 -7.80 6.23
CA ALA B 66 -31.14 -6.98 5.02
C ALA B 66 -31.62 -5.60 5.47
N VAL B 67 -30.81 -4.59 5.19
CA VAL B 67 -31.14 -3.23 5.57
C VAL B 67 -32.19 -2.54 4.70
N GLY B 68 -32.17 -2.81 3.40
CA GLY B 68 -33.13 -2.17 2.51
C GLY B 68 -33.72 -3.16 1.54
N PRO B 69 -34.62 -2.71 0.65
CA PRO B 69 -35.25 -3.59 -0.34
C PRO B 69 -34.37 -3.71 -1.58
N VAL B 70 -34.69 -4.67 -2.44
CA VAL B 70 -33.95 -4.89 -3.67
C VAL B 70 -34.32 -3.80 -4.67
N GLU B 71 -33.31 -3.16 -5.23
CA GLU B 71 -33.53 -2.11 -6.22
C GLU B 71 -32.39 -2.10 -7.22
N PHE B 72 -32.67 -1.61 -8.43
CA PHE B 72 -31.68 -1.55 -9.48
C PHE B 72 -30.74 -0.41 -9.21
N GLY B 73 -29.45 -0.73 -9.14
CA GLY B 73 -28.45 0.27 -8.88
C GLY B 73 -28.05 0.31 -7.42
N ALA B 74 -28.77 -0.44 -6.58
CA ALA B 74 -28.47 -0.47 -5.15
C ALA B 74 -26.98 -0.72 -4.90
N SER B 75 -26.40 -1.68 -5.62
CA SER B 75 -25.00 -1.99 -5.48
C SER B 75 -24.14 -1.18 -6.42
N ASP B 76 -22.84 -1.19 -6.16
CA ASP B 76 -21.90 -0.45 -6.98
C ASP B 76 -20.64 -1.27 -7.21
N HIS B 77 -19.99 -1.67 -6.11
CA HIS B 77 -18.77 -2.47 -6.18
C HIS B 77 -19.06 -3.88 -6.68
N LEU B 78 -19.92 -4.59 -5.97
CA LEU B 78 -20.28 -5.95 -6.34
C LEU B 78 -20.89 -5.96 -7.72
N ALA B 79 -21.66 -4.90 -8.02
CA ALA B 79 -22.28 -4.76 -9.32
C ALA B 79 -21.23 -4.62 -10.42
N ARG B 80 -20.26 -3.73 -10.21
CA ARG B 80 -19.21 -3.54 -11.21
C ARG B 80 -18.44 -4.84 -11.42
N ALA B 81 -18.29 -5.61 -10.34
CA ALA B 81 -17.56 -6.86 -10.38
C ALA B 81 -18.25 -7.84 -11.30
N VAL B 82 -19.55 -8.05 -11.10
CA VAL B 82 -20.29 -8.98 -11.93
C VAL B 82 -20.35 -8.49 -13.38
N LEU B 83 -20.33 -7.18 -13.56
CA LEU B 83 -20.38 -6.59 -14.88
C LEU B 83 -19.13 -6.99 -15.67
N THR B 84 -17.98 -6.90 -15.01
CA THR B 84 -16.71 -7.25 -15.62
C THR B 84 -16.69 -8.75 -15.88
N TYR B 85 -17.13 -9.50 -14.88
CA TYR B 85 -17.16 -10.95 -14.96
C TYR B 85 -18.03 -11.46 -16.13
N MSE B 86 -19.03 -10.68 -16.50
CA MSE B 86 -19.92 -11.06 -17.58
C MSE B 86 -19.29 -10.89 -18.96
O MSE B 86 -19.80 -11.42 -19.95
CB MSE B 86 -21.20 -10.27 -17.49
CG MSE B 86 -22.12 -10.76 -16.38
SE MSE B 86 -23.63 -9.61 -16.12
CE MSE B 86 -24.57 -10.00 -17.76
N ARG B 87 -18.21 -10.12 -19.03
CA ARG B 87 -17.54 -9.95 -20.30
C ARG B 87 -16.93 -11.28 -20.70
N PHE B 88 -16.60 -12.08 -19.70
CA PHE B 88 -16.00 -13.40 -19.92
C PHE B 88 -16.98 -14.55 -19.80
N TYR B 89 -18.04 -14.37 -19.03
CA TYR B 89 -19.06 -15.41 -18.86
C TYR B 89 -20.42 -14.73 -18.73
N PRO B 90 -20.95 -14.22 -19.84
CA PRO B 90 -22.22 -13.51 -20.03
C PRO B 90 -23.44 -14.04 -19.27
N GLU B 91 -23.47 -15.33 -19.00
CA GLU B 91 -24.61 -15.91 -18.32
C GLU B 91 -24.52 -15.83 -16.80
N TYR B 92 -23.37 -15.43 -16.29
CA TYR B 92 -23.19 -15.31 -14.85
C TYR B 92 -23.47 -13.91 -14.41
N ARG B 93 -24.75 -13.65 -14.18
CA ARG B 93 -25.22 -12.32 -13.81
C ARG B 93 -25.48 -12.13 -12.32
N SER B 94 -25.24 -13.16 -11.53
CA SER B 94 -25.46 -13.05 -10.10
C SER B 94 -24.19 -13.33 -9.28
N ALA B 95 -24.04 -12.57 -8.20
CA ALA B 95 -22.88 -12.71 -7.33
C ALA B 95 -23.15 -12.23 -5.91
N ILE B 96 -22.28 -12.67 -5.00
CA ILE B 96 -22.37 -12.30 -3.60
C ILE B 96 -20.95 -12.20 -3.06
N ASN B 97 -20.77 -11.31 -2.08
CA ASN B 97 -19.47 -11.10 -1.47
C ASN B 97 -19.57 -11.50 0.00
N ILE B 98 -18.68 -12.39 0.45
CA ILE B 98 -18.71 -12.82 1.83
C ILE B 98 -17.40 -12.66 2.57
N ARG B 99 -17.49 -12.66 3.90
CA ARG B 99 -16.33 -12.51 4.78
C ARG B 99 -15.20 -13.50 4.46
N TYR B 100 -13.96 -13.02 4.54
CA TYR B 100 -12.79 -13.84 4.29
C TYR B 100 -12.13 -14.25 5.60
N SER B 101 -11.47 -15.40 5.59
CA SER B 101 -10.74 -15.90 6.75
C SER B 101 -10.11 -17.23 6.35
N ARG B 102 -8.95 -17.55 6.93
CA ARG B 102 -8.27 -18.78 6.59
C ARG B 102 -9.22 -19.95 6.69
N GLU B 103 -9.98 -19.99 7.78
CA GLU B 103 -10.93 -21.07 7.98
C GLU B 103 -11.98 -21.15 6.88
N ILE B 104 -12.56 -20.01 6.52
CA ILE B 104 -13.57 -19.98 5.49
C ILE B 104 -13.03 -20.35 4.12
N ILE B 105 -11.92 -19.73 3.74
CA ILE B 105 -11.32 -19.99 2.45
C ILE B 105 -10.85 -21.44 2.27
N GLU B 106 -10.37 -22.06 3.33
CA GLU B 106 -9.93 -23.45 3.21
C GLU B 106 -11.16 -24.32 2.97
N GLU B 107 -12.23 -24.03 3.69
CA GLU B 107 -13.48 -24.75 3.53
C GLU B 107 -13.88 -24.69 2.06
N ILE B 108 -13.83 -23.49 1.51
CA ILE B 108 -14.20 -23.28 0.12
C ILE B 108 -13.35 -24.13 -0.80
N ILE B 109 -12.06 -24.25 -0.48
CA ILE B 109 -11.16 -25.04 -1.30
C ILE B 109 -11.62 -26.49 -1.29
N GLU B 110 -11.66 -27.07 -0.09
CA GLU B 110 -12.12 -28.43 0.08
C GLU B 110 -13.36 -28.62 -0.78
N ILE B 111 -14.42 -27.91 -0.43
CA ILE B 111 -15.67 -28.00 -1.17
C ILE B 111 -15.45 -27.84 -2.67
N ALA B 112 -14.57 -26.93 -3.06
CA ALA B 112 -14.29 -26.72 -4.47
C ALA B 112 -13.84 -28.06 -5.05
N GLN B 113 -12.88 -28.69 -4.37
CA GLN B 113 -12.35 -29.98 -4.81
C GLN B 113 -13.43 -31.06 -4.75
N GLU B 114 -14.10 -31.16 -3.59
CA GLU B 114 -15.16 -32.14 -3.34
C GLU B 114 -16.43 -31.93 -4.19
N ARG B 115 -16.48 -30.86 -4.99
CA ARG B 115 -17.65 -30.56 -5.81
C ARG B 115 -17.30 -30.10 -7.22
N GLY B 116 -16.04 -30.26 -7.60
CA GLY B 116 -15.61 -29.86 -8.93
C GLY B 116 -15.88 -28.41 -9.27
N PHE B 117 -15.55 -27.50 -8.36
CA PHE B 117 -15.73 -26.07 -8.56
C PHE B 117 -14.36 -25.43 -8.59
N LYS B 118 -14.23 -24.35 -9.34
CA LYS B 118 -12.93 -23.68 -9.43
C LYS B 118 -12.85 -22.37 -8.66
N VAL B 119 -11.68 -22.12 -8.07
CA VAL B 119 -11.47 -20.90 -7.30
C VAL B 119 -10.22 -20.17 -7.76
N SER B 120 -10.32 -18.85 -7.87
CA SER B 120 -9.18 -18.05 -8.27
C SER B 120 -9.05 -16.82 -7.36
N PHE B 121 -8.11 -15.93 -7.66
CA PHE B 121 -7.90 -14.76 -6.83
C PHE B 121 -7.11 -13.69 -7.56
N TYR B 122 -6.88 -12.57 -6.88
CA TYR B 122 -6.10 -11.48 -7.42
C TYR B 122 -5.42 -10.80 -6.23
N ASP B 123 -4.40 -10.00 -6.50
CA ASP B 123 -3.68 -9.35 -5.41
C ASP B 123 -3.37 -7.90 -5.72
N ARG B 124 -3.94 -7.00 -4.94
CA ARG B 124 -3.75 -5.57 -5.13
C ARG B 124 -2.29 -5.16 -5.03
N ARG B 125 -1.44 -6.07 -4.55
CA ARG B 125 -0.02 -5.78 -4.46
C ARG B 125 0.62 -5.93 -5.83
N GLU B 126 0.09 -6.84 -6.64
CA GLU B 126 0.63 -7.05 -7.97
C GLU B 126 -0.05 -6.11 -8.97
N GLU B 127 -0.83 -5.18 -8.44
CA GLU B 127 -1.56 -4.20 -9.25
C GLU B 127 -0.65 -3.02 -9.59
N PRO B 128 -0.45 -2.75 -10.89
CA PRO B 128 0.40 -1.62 -11.26
C PRO B 128 -0.14 -0.34 -10.67
N GLU B 129 0.78 0.51 -10.22
CA GLU B 129 0.45 1.78 -9.60
C GLU B 129 -0.46 2.62 -10.50
N GLU B 130 -0.22 2.57 -11.81
CA GLU B 130 -1.02 3.33 -12.76
C GLU B 130 -2.52 3.04 -12.59
N ILE B 131 -2.87 1.76 -12.51
CA ILE B 131 -4.26 1.36 -12.36
C ILE B 131 -4.85 1.76 -11.02
N LYS B 132 -4.03 1.76 -9.96
CA LYS B 132 -4.52 2.13 -8.64
C LYS B 132 -4.90 3.61 -8.62
N ALA B 133 -4.32 4.35 -9.56
CA ALA B 133 -4.55 5.78 -9.68
C ALA B 133 -5.93 6.14 -10.23
N LYS B 134 -6.48 5.30 -11.12
CA LYS B 134 -7.79 5.54 -11.72
C LYS B 134 -8.94 4.99 -10.87
N GLU B 135 -9.72 5.88 -10.25
CA GLU B 135 -10.83 5.47 -9.40
C GLU B 135 -11.72 4.39 -10.04
N GLY B 136 -12.08 3.38 -9.23
CA GLY B 136 -12.94 2.30 -9.70
C GLY B 136 -12.44 1.50 -10.88
N ALA B 137 -11.13 1.42 -11.04
CA ALA B 137 -10.53 0.67 -12.13
C ALA B 137 -9.91 -0.59 -11.55
N THR B 138 -9.93 -0.65 -10.22
CA THR B 138 -9.36 -1.77 -9.51
C THR B 138 -10.23 -3.00 -9.54
N ILE B 139 -11.53 -2.83 -9.29
CA ILE B 139 -12.44 -3.97 -9.30
C ILE B 139 -12.36 -4.67 -10.66
N PRO B 140 -12.50 -3.89 -11.75
CA PRO B 140 -12.42 -4.50 -13.08
C PRO B 140 -11.09 -5.25 -13.23
N TRP B 141 -10.01 -4.60 -12.82
CA TRP B 141 -8.68 -5.20 -12.87
C TRP B 141 -8.67 -6.55 -12.14
N GLY B 142 -9.13 -6.55 -10.89
CA GLY B 142 -9.15 -7.77 -10.11
C GLY B 142 -9.84 -8.92 -10.82
N ILE B 143 -11.11 -8.70 -11.17
CA ILE B 143 -11.88 -9.74 -11.83
C ILE B 143 -11.16 -10.24 -13.08
N GLU B 144 -10.67 -9.32 -13.92
CA GLU B 144 -9.98 -9.74 -15.12
C GLU B 144 -8.75 -10.56 -14.77
N THR B 145 -7.99 -10.07 -13.80
CA THR B 145 -6.77 -10.77 -13.36
C THR B 145 -7.07 -12.19 -12.90
N ALA B 146 -8.02 -12.35 -12.00
CA ALA B 146 -8.39 -13.66 -11.47
C ALA B 146 -8.88 -14.62 -12.54
N ILE B 147 -9.68 -14.12 -13.48
CA ILE B 147 -10.22 -14.96 -14.54
C ILE B 147 -9.14 -15.44 -15.48
N LYS B 148 -8.16 -14.58 -15.76
CA LYS B 148 -7.09 -14.96 -16.67
C LYS B 148 -6.04 -15.83 -16.00
N ARG B 149 -5.98 -15.79 -14.68
CA ARG B 149 -5.01 -16.59 -13.95
C ARG B 149 -5.19 -18.10 -14.21
N ILE B 150 -6.39 -18.52 -14.60
CA ILE B 150 -6.69 -19.94 -14.88
C ILE B 150 -7.51 -20.10 -16.18
N LYS B 151 -7.45 -21.28 -16.78
CA LYS B 151 -8.16 -21.56 -18.04
C LYS B 151 -9.65 -21.81 -17.83
N GLU B 152 -10.02 -22.20 -16.62
CA GLU B 152 -11.41 -22.47 -16.32
C GLU B 152 -12.11 -21.21 -15.81
N ARG B 153 -13.42 -21.31 -15.66
CA ARG B 153 -14.20 -20.20 -15.15
C ARG B 153 -14.10 -20.36 -13.63
N PRO B 154 -13.69 -19.29 -12.94
CA PRO B 154 -13.57 -19.37 -11.48
C PRO B 154 -14.89 -19.00 -10.78
N ASP B 155 -15.49 -19.99 -10.15
CA ASP B 155 -16.75 -19.78 -9.43
C ASP B 155 -16.51 -18.85 -8.26
N ILE B 156 -15.36 -19.01 -7.63
CA ILE B 156 -14.98 -18.20 -6.49
C ILE B 156 -13.75 -17.38 -6.82
N ILE B 157 -13.81 -16.10 -6.49
CA ILE B 157 -12.70 -15.20 -6.71
C ILE B 157 -12.52 -14.47 -5.39
N TYR B 158 -11.31 -14.52 -4.84
CA TYR B 158 -11.07 -13.86 -3.57
C TYR B 158 -9.84 -12.95 -3.66
N HIS B 159 -9.50 -12.32 -2.54
CA HIS B 159 -8.34 -11.46 -2.45
C HIS B 159 -8.12 -11.14 -0.99
N LEU B 160 -6.86 -11.03 -0.60
CA LEU B 160 -6.52 -10.75 0.79
C LEU B 160 -6.65 -9.26 1.11
N GLY B 161 -6.34 -8.90 2.35
CA GLY B 161 -6.43 -7.51 2.73
C GLY B 161 -5.33 -6.64 2.19
N ASP B 162 -5.64 -5.35 2.08
CA ASP B 162 -4.69 -4.37 1.58
C ASP B 162 -4.80 -3.19 2.53
N VAL B 163 -3.84 -2.27 2.50
CA VAL B 163 -3.93 -1.15 3.43
C VAL B 163 -5.28 -0.45 3.30
N GLY B 164 -6.01 -0.39 4.41
CA GLY B 164 -7.31 0.27 4.39
C GLY B 164 -8.43 -0.55 3.79
N LYS B 165 -8.12 -1.67 3.15
CA LYS B 165 -9.14 -2.51 2.54
C LYS B 165 -9.10 -3.94 3.07
N GLU B 166 -10.26 -4.47 3.42
CA GLU B 166 -10.36 -5.83 3.95
C GLU B 166 -10.35 -6.91 2.88
N PRO B 167 -10.05 -8.15 3.26
CA PRO B 167 -10.05 -9.23 2.29
C PRO B 167 -11.51 -9.54 1.94
N MSE B 168 -11.75 -10.22 0.83
CA MSE B 168 -13.11 -10.54 0.45
C MSE B 168 -13.16 -11.77 -0.42
O MSE B 168 -12.22 -12.07 -1.17
CB MSE B 168 -13.75 -9.38 -0.31
CG MSE B 168 -14.47 -8.35 0.57
SE MSE B 168 -15.97 -9.11 1.52
CE MSE B 168 -16.54 -10.33 0.13
N ILE B 169 -14.25 -12.51 -0.30
CA ILE B 169 -14.47 -13.70 -1.11
C ILE B 169 -15.75 -13.46 -1.90
N LEU B 170 -15.63 -13.46 -3.22
CA LEU B 170 -16.79 -13.26 -4.08
C LEU B 170 -17.16 -14.58 -4.74
N VAL B 171 -18.43 -14.98 -4.65
CA VAL B 171 -18.85 -16.22 -5.30
C VAL B 171 -19.89 -15.84 -6.35
N PHE B 172 -19.83 -16.47 -7.52
CA PHE B 172 -20.75 -16.13 -8.59
C PHE B 172 -21.70 -17.28 -8.87
N GLY B 173 -22.62 -17.02 -9.84
CA GLY B 173 -23.60 -18.01 -10.25
C GLY B 173 -24.43 -17.45 -11.38
N ARG B 174 -25.17 -18.30 -12.07
CA ARG B 174 -26.01 -17.83 -13.16
C ARG B 174 -27.13 -16.94 -12.63
N ASN B 175 -27.68 -17.34 -11.48
CA ASN B 175 -28.75 -16.60 -10.82
C ASN B 175 -28.59 -16.76 -9.31
N PRO B 176 -29.41 -16.03 -8.51
CA PRO B 176 -29.35 -16.10 -7.05
C PRO B 176 -29.45 -17.50 -6.48
N ARG B 177 -30.28 -18.35 -7.08
CA ARG B 177 -30.42 -19.72 -6.59
C ARG B 177 -29.07 -20.45 -6.63
N GLU B 178 -28.40 -20.37 -7.78
CA GLU B 178 -27.10 -21.00 -7.94
C GLU B 178 -26.15 -20.48 -6.85
N VAL B 179 -26.04 -19.15 -6.77
CA VAL B 179 -25.19 -18.49 -5.79
C VAL B 179 -25.55 -18.93 -4.36
N LEU B 180 -26.81 -18.74 -3.98
CA LEU B 180 -27.28 -19.12 -2.64
C LEU B 180 -27.03 -20.61 -2.43
N GLU B 181 -27.28 -21.38 -3.49
CA GLU B 181 -27.10 -22.82 -3.44
C GLU B 181 -25.70 -23.17 -2.92
N LYS B 182 -24.70 -22.45 -3.41
CA LYS B 182 -23.33 -22.68 -2.97
C LYS B 182 -23.12 -22.27 -1.51
N ILE B 183 -23.56 -21.07 -1.15
CA ILE B 183 -23.45 -20.58 0.21
C ILE B 183 -23.77 -21.73 1.15
N LYS B 184 -24.88 -22.40 0.86
CA LYS B 184 -25.34 -23.53 1.67
C LYS B 184 -24.34 -24.66 1.87
N MSE B 185 -23.67 -25.07 0.80
CA MSE B 185 -22.69 -26.15 0.91
C MSE B 185 -21.67 -25.70 1.93
O MSE B 185 -21.32 -26.42 2.87
CB MSE B 185 -21.99 -26.37 -0.42
CG MSE B 185 -22.92 -26.47 -1.59
SE MSE B 185 -21.96 -26.87 -3.20
CE MSE B 185 -21.15 -25.14 -3.47
N LEU B 186 -21.21 -24.47 1.74
CA LEU B 186 -20.24 -23.85 2.62
C LEU B 186 -20.71 -23.91 4.06
N ILE B 187 -21.92 -23.42 4.30
CA ILE B 187 -22.51 -23.44 5.63
C ILE B 187 -22.30 -24.82 6.27
P PO4 C . 21.23 5.72 -2.05
O1 PO4 C . 20.48 5.12 -0.93
O2 PO4 C . 22.63 5.19 -2.06
O3 PO4 C . 20.55 5.33 -3.34
O4 PO4 C . 21.25 7.21 -1.91
P PO4 D . -21.72 -2.32 -2.80
O1 PO4 D . -22.96 -2.27 -1.94
O2 PO4 D . -21.66 -3.66 -3.46
O3 PO4 D . -21.77 -1.22 -3.84
O4 PO4 D . -20.51 -2.08 -1.92
#